data_5XPV
#
_entry.id   5XPV
#
_cell.length_a   45.412
_cell.length_b   67.785
_cell.length_c   74.625
_cell.angle_alpha   90.00
_cell.angle_beta   90.00
_cell.angle_gamma   90.00
#
_symmetry.space_group_name_H-M   'P 2 21 21'
#
loop_
_entity.id
_entity.type
_entity.pdbx_description
1 polymer 'amphioxus IgVJ-C2'
2 water water
#
_entity_poly.entity_id   1
_entity_poly.type   'polypeptide(L)'
_entity_poly.pdbx_seq_one_letter_code
;VSHQQGQSHLFECDYPISADTYVINWYKDGTSVMNYLSGGEPAFTEDLDDRTDVQFVNNRNLEITNLRVSDEGEYYCSVI
EIGAGGQSGDGTRYQLVVFV
;
_entity_poly.pdbx_strand_id   A,B
#
# COMPACT_ATOMS: atom_id res chain seq x y z
N VAL A 1 -6.03 15.59 17.37
CA VAL A 1 -6.01 16.96 16.87
C VAL A 1 -7.42 17.52 16.82
N SER A 2 -7.62 18.68 17.45
CA SER A 2 -8.96 19.29 17.49
C SER A 2 -8.94 20.72 16.97
N HIS A 3 -9.87 21.03 16.07
CA HIS A 3 -9.92 22.36 15.46
C HIS A 3 -11.36 22.80 15.20
N GLN A 4 -11.53 24.09 14.97
CA GLN A 4 -12.83 24.65 14.60
C GLN A 4 -12.92 24.63 13.08
N GLN A 5 -14.13 24.43 12.55
CA GLN A 5 -14.31 24.44 11.10
C GLN A 5 -13.75 25.74 10.52
N GLY A 6 -13.09 25.65 9.37
CA GLY A 6 -12.50 26.82 8.75
C GLY A 6 -11.02 26.97 9.07
N GLN A 7 -10.58 26.33 10.15
CA GLN A 7 -9.15 26.31 10.42
C GLN A 7 -8.47 25.36 9.44
N SER A 8 -7.14 25.33 9.46
CA SER A 8 -6.41 24.39 8.63
C SER A 8 -5.74 23.31 9.45
N HIS A 9 -5.44 22.16 8.85
CA HIS A 9 -4.50 21.24 9.47
C HIS A 9 -3.48 20.68 8.46
N LEU A 10 -2.23 20.53 8.90
CA LEU A 10 -1.25 19.73 8.18
C LEU A 10 -1.05 18.38 8.86
N PHE A 11 -1.31 17.29 8.14
CA PHE A 11 -1.02 15.94 8.63
C PHE A 11 0.37 15.51 8.19
N GLU A 12 1.17 15.03 9.14
CA GLU A 12 2.53 14.62 8.80
C GLU A 12 2.67 13.13 8.55
N CYS A 13 3.28 12.81 7.43
CA CYS A 13 3.69 11.44 7.16
C CYS A 13 5.10 11.26 7.72
N ASP A 14 5.23 10.47 8.79
CA ASP A 14 6.51 10.30 9.47
C ASP A 14 7.19 8.98 9.13
N TYR A 15 6.84 8.41 7.99
CA TYR A 15 7.47 7.17 7.54
C TYR A 15 8.69 7.48 6.69
N PRO A 16 9.86 6.91 7.04
CA PRO A 16 11.11 7.14 6.32
C PRO A 16 11.07 6.60 4.89
N ILE A 17 11.42 7.45 3.93
CA ILE A 17 11.49 7.05 2.53
C ILE A 17 12.93 7.18 2.04
N SER A 18 13.56 6.05 1.71
CA SER A 18 14.94 6.08 1.22
C SER A 18 15.06 5.66 -0.23
N ALA A 19 14.10 4.87 -0.71
CA ALA A 19 14.09 4.44 -2.11
C ALA A 19 13.93 5.62 -3.06
N ASP A 20 14.54 5.49 -4.25
CA ASP A 20 14.40 6.48 -5.31
C ASP A 20 12.99 6.50 -5.91
N THR A 21 12.35 5.34 -5.90
CA THR A 21 11.01 5.21 -6.45
C THR A 21 10.07 4.68 -5.37
N TYR A 22 8.92 5.32 -5.22
CA TYR A 22 8.02 5.01 -4.12
C TYR A 22 6.64 5.57 -4.37
N VAL A 23 5.67 5.05 -3.63
CA VAL A 23 4.30 5.50 -3.71
C VAL A 23 3.84 5.94 -2.33
N ILE A 24 3.11 7.05 -2.28
CA ILE A 24 2.51 7.53 -1.04
C ILE A 24 0.99 7.59 -1.19
N ASN A 25 0.27 7.01 -0.22
CA ASN A 25 -1.17 7.21 -0.12
C ASN A 25 -1.54 7.87 1.21
N TRP A 26 -2.56 8.71 1.20
CA TRP A 26 -3.15 9.19 2.43
C TRP A 26 -4.51 8.52 2.59
N TYR A 27 -4.78 8.04 3.80
CA TYR A 27 -6.01 7.33 4.11
C TYR A 27 -6.86 8.11 5.09
N LYS A 28 -8.17 8.03 4.90
CA LYS A 28 -9.16 8.55 5.83
C LYS A 28 -10.10 7.42 6.22
N ASP A 29 -10.06 7.03 7.49
CA ASP A 29 -10.87 5.90 7.99
C ASP A 29 -10.70 4.65 7.12
N GLY A 30 -9.47 4.40 6.69
CA GLY A 30 -9.15 3.19 5.94
C GLY A 30 -9.40 3.25 4.44
N THR A 31 -9.82 4.41 3.94
CA THR A 31 -10.05 4.59 2.50
C THR A 31 -9.08 5.61 1.93
N SER A 32 -8.46 5.28 0.79
CA SER A 32 -7.47 6.19 0.20
C SER A 32 -8.11 7.47 -0.30
N VAL A 33 -7.62 8.61 0.20
CA VAL A 33 -8.11 9.91 -0.26
C VAL A 33 -7.06 10.63 -1.11
N MET A 34 -5.91 9.99 -1.29
CA MET A 34 -4.88 10.55 -2.16
C MET A 34 -3.84 9.50 -2.51
N ASN A 35 -3.40 9.48 -3.76
CA ASN A 35 -2.30 8.62 -4.16
C ASN A 35 -1.26 9.43 -4.94
N TYR A 36 -0.01 9.00 -4.86
CA TYR A 36 1.09 9.70 -5.49
C TYR A 36 2.23 8.74 -5.79
N LEU A 37 2.71 8.77 -7.03
CA LEU A 37 3.91 8.02 -7.40
C LEU A 37 5.07 9.02 -7.53
N SER A 38 6.23 8.65 -7.00
CA SER A 38 7.38 9.55 -6.98
C SER A 38 7.66 10.15 -8.35
N GLY A 39 7.86 11.47 -8.40
CA GLY A 39 8.10 12.16 -9.65
C GLY A 39 6.84 12.57 -10.38
N GLY A 40 5.68 12.09 -9.90
CA GLY A 40 4.42 12.38 -10.55
C GLY A 40 3.65 13.52 -9.90
N GLU A 41 2.32 13.40 -9.89
CA GLU A 41 1.45 14.40 -9.27
C GLU A 41 0.47 13.71 -8.33
N PRO A 42 0.07 14.40 -7.25
CA PRO A 42 -0.95 13.83 -6.36
C PRO A 42 -2.32 13.74 -7.01
N ALA A 43 -3.05 12.66 -6.72
CA ALA A 43 -4.42 12.54 -7.16
C ALA A 43 -5.31 12.38 -5.94
N PHE A 44 -6.19 13.35 -5.72
CA PHE A 44 -7.08 13.31 -4.56
C PHE A 44 -8.37 12.58 -4.90
N THR A 45 -8.82 11.74 -3.98
CA THR A 45 -9.91 10.81 -4.25
C THR A 45 -10.92 10.72 -3.11
N GLU A 46 -12.05 10.07 -3.39
CA GLU A 46 -13.13 9.86 -2.42
C GLU A 46 -13.51 11.19 -1.76
N ASP A 47 -13.45 11.27 -0.43
CA ASP A 47 -13.90 12.47 0.27
C ASP A 47 -13.10 13.73 -0.05
N LEU A 48 -11.86 13.57 -0.50
CA LEU A 48 -11.01 14.72 -0.80
C LEU A 48 -11.05 15.06 -2.29
N ASP A 49 -11.87 14.35 -3.05
CA ASP A 49 -12.04 14.68 -4.44
C ASP A 49 -12.85 15.96 -4.54
N ASP A 50 -12.66 16.70 -5.63
CA ASP A 50 -13.38 17.95 -5.88
C ASP A 50 -13.05 19.05 -4.87
N ARG A 51 -12.18 18.75 -3.90
CA ARG A 51 -11.79 19.73 -2.90
C ARG A 51 -10.70 20.62 -3.43
N THR A 52 -10.99 21.91 -3.47
CA THR A 52 -10.05 22.94 -3.91
C THR A 52 -9.07 23.36 -2.82
N ASP A 53 -9.39 23.05 -1.56
CA ASP A 53 -8.59 23.54 -0.43
C ASP A 53 -7.60 22.49 0.11
N VAL A 54 -7.43 21.38 -0.60
CA VAL A 54 -6.50 20.35 -0.12
C VAL A 54 -5.20 20.40 -0.92
N GLN A 55 -4.08 20.15 -0.25
CA GLN A 55 -2.79 20.15 -0.94
C GLN A 55 -1.88 19.03 -0.47
N PHE A 56 -1.06 18.56 -1.40
CA PHE A 56 0.02 17.63 -1.12
C PHE A 56 1.27 18.47 -0.89
N VAL A 57 1.81 18.44 0.32
CA VAL A 57 2.87 19.38 0.68
C VAL A 57 4.25 18.72 0.76
N ASN A 58 5.21 19.35 0.09
CA ASN A 58 6.59 18.85 0.03
C ASN A 58 6.64 17.39 -0.43
N ASN A 59 5.74 17.02 -1.35
CA ASN A 59 5.67 15.65 -1.85
C ASN A 59 5.53 14.60 -0.75
N ARG A 60 4.89 14.95 0.35
CA ARG A 60 4.75 13.99 1.45
C ARG A 60 3.51 14.22 2.31
N ASN A 61 3.30 15.45 2.76
CA ASN A 61 2.29 15.70 3.79
C ASN A 61 0.96 16.15 3.23
N LEU A 62 -0.09 15.96 4.02
CA LEU A 62 -1.45 16.29 3.61
C LEU A 62 -1.93 17.53 4.33
N GLU A 63 -2.28 18.54 3.54
CA GLU A 63 -2.81 19.80 4.08
C GLU A 63 -4.28 19.96 3.72
N ILE A 64 -5.12 20.15 4.73
CA ILE A 64 -6.50 20.56 4.51
C ILE A 64 -6.64 21.99 5.01
N THR A 65 -6.79 22.93 4.09
CA THR A 65 -6.75 24.35 4.44
C THR A 65 -8.07 24.85 5.02
N ASN A 66 -9.17 24.27 4.57
CA ASN A 66 -10.50 24.70 5.01
C ASN A 66 -11.28 23.55 5.65
N LEU A 67 -10.96 23.25 6.91
CA LEU A 67 -11.55 22.11 7.60
C LEU A 67 -13.09 22.20 7.67
N ARG A 68 -13.74 21.11 7.28
CA ARG A 68 -15.17 20.95 7.47
C ARG A 68 -15.42 19.96 8.59
N VAL A 69 -16.62 20.00 9.16
CA VAL A 69 -17.00 19.00 10.15
C VAL A 69 -16.92 17.59 9.54
N SER A 70 -17.29 17.47 8.27
CA SER A 70 -17.25 16.17 7.58
C SER A 70 -15.83 15.62 7.41
N ASP A 71 -14.81 16.47 7.59
CA ASP A 71 -13.42 16.01 7.48
C ASP A 71 -13.00 15.19 8.69
N GLU A 72 -13.83 15.18 9.72
CA GLU A 72 -13.60 14.38 10.93
C GLU A 72 -13.28 12.94 10.58
N GLY A 73 -12.25 12.38 11.21
CA GLY A 73 -11.91 10.99 10.99
C GLY A 73 -10.47 10.66 11.30
N GLU A 74 -10.09 9.41 11.06
CA GLU A 74 -8.71 8.99 11.31
C GLU A 74 -7.90 9.05 10.02
N TYR A 75 -6.74 9.70 10.10
CA TYR A 75 -5.87 9.88 8.95
C TYR A 75 -4.49 9.27 9.17
N TYR A 76 -3.93 8.65 8.14
CA TYR A 76 -2.54 8.23 8.17
C TYR A 76 -2.01 8.05 6.76
N CYS A 77 -0.69 8.11 6.60
CA CYS A 77 -0.06 7.87 5.30
C CYS A 77 0.44 6.44 5.23
N SER A 78 0.48 5.89 4.02
CA SER A 78 1.11 4.60 3.77
C SER A 78 2.14 4.76 2.68
N VAL A 79 3.32 4.20 2.89
CA VAL A 79 4.41 4.29 1.92
C VAL A 79 4.78 2.91 1.37
N ILE A 80 4.96 2.83 0.06
CA ILE A 80 5.48 1.60 -0.55
C ILE A 80 6.72 1.94 -1.37
N GLU A 81 7.86 1.37 -0.97
CA GLU A 81 9.09 1.55 -1.73
C GLU A 81 9.20 0.54 -2.85
N ILE A 82 9.65 1.00 -4.01
CA ILE A 82 9.82 0.12 -5.17
C ILE A 82 11.28 -0.27 -5.35
N GLY A 83 11.53 -1.56 -5.58
CA GLY A 83 12.88 -2.02 -5.88
C GLY A 83 13.47 -2.95 -4.83
N ALA A 84 14.74 -3.30 -5.01
CA ALA A 84 15.40 -4.25 -4.13
C ALA A 84 15.38 -3.75 -2.69
N GLY A 85 15.03 -4.64 -1.77
CA GLY A 85 14.95 -4.29 -0.36
C GLY A 85 13.86 -3.28 -0.04
N GLY A 86 12.98 -3.03 -1.01
CA GLY A 86 11.90 -2.07 -0.82
C GLY A 86 11.03 -2.40 0.37
N GLN A 87 10.81 -1.40 1.23
CA GLN A 87 9.97 -1.62 2.40
C GLN A 87 8.59 -0.97 2.23
N SER A 88 7.71 -1.25 3.17
CA SER A 88 6.34 -0.78 3.13
C SER A 88 5.85 -0.55 4.55
N GLY A 89 5.12 0.54 4.78
CA GLY A 89 4.59 0.79 6.10
C GLY A 89 3.66 1.98 6.23
N ASP A 90 3.13 2.17 7.43
CA ASP A 90 2.20 3.25 7.73
C ASP A 90 2.85 4.31 8.61
N GLY A 91 2.44 5.56 8.40
CA GLY A 91 2.82 6.62 9.31
C GLY A 91 1.92 6.56 10.53
N THR A 92 2.15 7.48 11.46
CA THR A 92 1.33 7.61 12.66
C THR A 92 -0.12 7.97 12.31
N ARG A 93 -1.07 7.38 13.03
CA ARG A 93 -2.49 7.67 12.82
C ARG A 93 -2.93 8.87 13.64
N TYR A 94 -3.69 9.77 13.02
CA TYR A 94 -4.18 10.97 13.69
C TYR A 94 -5.70 11.02 13.71
N GLN A 95 -6.29 11.30 14.87
CA GLN A 95 -7.74 11.47 14.94
C GLN A 95 -8.11 12.94 14.85
N LEU A 96 -8.75 13.32 13.75
CA LEU A 96 -9.17 14.70 13.54
C LEU A 96 -10.57 14.93 14.08
N VAL A 97 -10.67 15.86 15.02
CA VAL A 97 -11.95 16.33 15.53
C VAL A 97 -12.17 17.76 15.05
N VAL A 98 -13.37 18.04 14.52
CA VAL A 98 -13.70 19.37 14.05
C VAL A 98 -15.03 19.87 14.63
N PHE A 99 -14.98 20.98 15.35
CA PHE A 99 -16.18 21.55 15.96
C PHE A 99 -16.69 22.76 15.19
N VAL A 100 -17.99 23.03 15.32
CA VAL A 100 -18.56 24.27 14.82
C VAL A 100 -18.02 25.44 15.64
N VAL B 1 -4.79 -23.75 3.13
CA VAL B 1 -3.81 -24.51 2.36
C VAL B 1 -2.86 -25.29 3.28
N SER B 2 -2.79 -26.60 3.10
CA SER B 2 -1.88 -27.43 3.90
C SER B 2 -1.05 -28.34 3.01
N HIS B 3 0.27 -28.15 3.02
CA HIS B 3 1.15 -28.86 2.11
C HIS B 3 2.39 -29.43 2.79
N GLN B 4 2.93 -30.51 2.23
CA GLN B 4 4.20 -31.04 2.69
C GLN B 4 5.31 -30.21 2.08
N GLN B 5 6.42 -30.05 2.80
CA GLN B 5 7.58 -29.36 2.25
C GLN B 5 7.94 -29.99 0.91
N GLY B 6 8.36 -29.17 -0.05
CA GLY B 6 8.69 -29.68 -1.37
C GLY B 6 7.56 -29.50 -2.38
N GLN B 7 6.33 -29.45 -1.89
CA GLN B 7 5.21 -29.09 -2.75
C GLN B 7 5.31 -27.63 -3.19
N SER B 8 4.50 -27.26 -4.17
CA SER B 8 4.45 -25.89 -4.66
C SER B 8 3.11 -25.26 -4.26
N HIS B 9 3.03 -23.93 -4.30
CA HIS B 9 1.74 -23.28 -4.18
C HIS B 9 1.71 -21.95 -4.93
N LEU B 10 0.60 -21.72 -5.60
CA LEU B 10 0.35 -20.44 -6.27
C LEU B 10 -0.67 -19.64 -5.48
N PHE B 11 -0.25 -18.46 -5.02
CA PHE B 11 -1.15 -17.54 -4.34
C PHE B 11 -1.75 -16.56 -5.35
N GLU B 12 -3.07 -16.39 -5.31
CA GLU B 12 -3.75 -15.57 -6.31
C GLU B 12 -4.10 -14.19 -5.79
N CYS B 13 -3.68 -13.18 -6.53
CA CYS B 13 -4.14 -11.84 -6.26
C CYS B 13 -5.46 -11.62 -7.00
N ASP B 14 -6.55 -11.60 -6.24
CA ASP B 14 -7.89 -11.49 -6.84
C ASP B 14 -8.45 -10.07 -6.81
N TYR B 15 -7.56 -9.08 -6.68
CA TYR B 15 -7.98 -7.70 -6.75
C TYR B 15 -8.08 -7.25 -8.22
N PRO B 16 -9.24 -6.71 -8.62
CA PRO B 16 -9.38 -6.29 -10.02
C PRO B 16 -8.52 -5.05 -10.32
N ILE B 17 -7.73 -5.11 -11.38
CA ILE B 17 -6.87 -3.98 -11.73
C ILE B 17 -7.22 -3.42 -13.10
N SER B 18 -7.87 -2.26 -13.10
CA SER B 18 -8.27 -1.58 -14.32
C SER B 18 -7.34 -0.42 -14.67
N ALA B 19 -6.71 0.18 -13.65
CA ALA B 19 -5.79 1.29 -13.87
C ALA B 19 -4.60 0.91 -14.72
N ASP B 20 -4.05 1.91 -15.42
CA ASP B 20 -2.88 1.71 -16.27
C ASP B 20 -1.59 1.68 -15.46
N THR B 21 -1.54 2.51 -14.42
CA THR B 21 -0.37 2.57 -13.56
C THR B 21 -0.74 2.12 -12.15
N TYR B 22 -0.03 1.13 -11.64
CA TYR B 22 -0.36 0.56 -10.34
C TYR B 22 0.84 -0.12 -9.71
N VAL B 23 0.73 -0.39 -8.42
CA VAL B 23 1.75 -1.14 -7.69
C VAL B 23 1.13 -2.36 -7.03
N ILE B 24 1.81 -3.49 -7.12
CA ILE B 24 1.38 -4.69 -6.44
C ILE B 24 2.41 -5.09 -5.40
N ASN B 25 1.97 -5.38 -4.18
CA ASN B 25 2.83 -5.98 -3.16
C ASN B 25 2.25 -7.31 -2.72
N TRP B 26 3.13 -8.27 -2.42
CA TRP B 26 2.71 -9.45 -1.70
C TRP B 26 3.20 -9.38 -0.28
N TYR B 27 2.30 -9.71 0.66
CA TYR B 27 2.62 -9.68 2.07
C TYR B 27 2.62 -11.08 2.67
N LYS B 28 3.55 -11.29 3.60
CA LYS B 28 3.62 -12.50 4.41
C LYS B 28 3.59 -12.08 5.87
N ASP B 29 2.54 -12.46 6.59
CA ASP B 29 2.35 -12.05 7.98
C ASP B 29 2.51 -10.54 8.16
N GLY B 30 1.96 -9.76 7.22
CA GLY B 30 1.95 -8.30 7.35
C GLY B 30 3.21 -7.60 6.88
N THR B 31 4.21 -8.38 6.44
CA THR B 31 5.46 -7.81 5.96
C THR B 31 5.63 -8.05 4.46
N SER B 32 6.01 -7.02 3.72
CA SER B 32 6.12 -7.14 2.26
C SER B 32 7.26 -8.06 1.87
N VAL B 33 6.93 -9.07 1.05
CA VAL B 33 7.94 -9.99 0.54
C VAL B 33 8.14 -9.83 -0.96
N MET B 34 7.38 -8.93 -1.58
CA MET B 34 7.57 -8.59 -2.98
C MET B 34 6.89 -7.29 -3.35
N ASN B 35 7.54 -6.48 -4.16
CA ASN B 35 6.92 -5.28 -4.70
C ASN B 35 7.09 -5.21 -6.20
N TYR B 36 6.14 -4.57 -6.86
CA TYR B 36 6.13 -4.48 -8.31
C TYR B 36 5.41 -3.23 -8.75
N LEU B 37 6.06 -2.42 -9.57
CA LEU B 37 5.43 -1.26 -10.21
C LEU B 37 5.14 -1.62 -11.66
N SER B 38 3.92 -1.35 -12.12
CA SER B 38 3.52 -1.71 -13.49
C SER B 38 4.53 -1.20 -14.52
N GLY B 39 4.98 -2.11 -15.39
CA GLY B 39 6.00 -1.78 -16.37
C GLY B 39 7.40 -2.09 -15.88
N GLY B 40 7.51 -2.46 -14.61
CA GLY B 40 8.81 -2.73 -14.02
C GLY B 40 9.09 -4.21 -13.86
N GLU B 41 9.77 -4.56 -12.78
CA GLU B 41 10.13 -5.94 -12.50
C GLU B 41 9.83 -6.24 -11.04
N PRO B 42 9.45 -7.49 -10.73
CA PRO B 42 9.22 -7.82 -9.33
C PRO B 42 10.50 -7.76 -8.52
N ALA B 43 10.43 -7.27 -7.29
CA ALA B 43 11.57 -7.35 -6.38
C ALA B 43 11.16 -8.13 -5.15
N PHE B 44 11.79 -9.29 -4.93
CA PHE B 44 11.47 -10.11 -3.77
C PHE B 44 12.30 -9.71 -2.57
N THR B 45 11.65 -9.64 -1.42
CA THR B 45 12.23 -9.04 -0.24
C THR B 45 11.95 -9.90 1.00
N GLU B 46 12.67 -9.58 2.08
CA GLU B 46 12.55 -10.28 3.37
C GLU B 46 12.68 -11.79 3.17
N ASP B 47 11.70 -12.57 3.61
CA ASP B 47 11.80 -14.03 3.56
C ASP B 47 11.89 -14.62 2.15
N LEU B 48 11.47 -13.86 1.14
CA LEU B 48 11.50 -14.35 -0.24
C LEU B 48 12.71 -13.83 -1.02
N ASP B 49 13.54 -13.04 -0.36
CA ASP B 49 14.77 -12.57 -0.96
C ASP B 49 15.68 -13.77 -1.20
N ASP B 50 16.42 -13.76 -2.31
CA ASP B 50 17.36 -14.83 -2.64
C ASP B 50 16.73 -16.22 -2.71
N ARG B 51 15.52 -16.31 -3.26
CA ARG B 51 14.87 -17.60 -3.47
C ARG B 51 14.74 -17.87 -4.95
N THR B 52 15.45 -18.89 -5.45
CA THR B 52 15.41 -19.18 -6.88
C THR B 52 14.13 -19.89 -7.28
N ASP B 53 13.37 -20.36 -6.29
CA ASP B 53 12.14 -21.12 -6.58
C ASP B 53 10.88 -20.27 -6.50
N VAL B 54 11.05 -18.97 -6.29
CA VAL B 54 9.89 -18.08 -6.19
C VAL B 54 9.73 -17.28 -7.47
N GLN B 55 8.49 -17.13 -7.95
CA GLN B 55 8.22 -16.38 -9.17
C GLN B 55 6.98 -15.50 -9.07
N PHE B 56 7.00 -14.39 -9.79
CA PHE B 56 5.87 -13.48 -9.98
C PHE B 56 5.22 -13.88 -11.30
N VAL B 57 3.98 -14.37 -11.24
CA VAL B 57 3.35 -14.99 -12.40
C VAL B 57 2.28 -14.12 -13.04
N ASN B 58 2.40 -13.96 -14.36
CA ASN B 58 1.43 -13.21 -15.16
C ASN B 58 1.22 -11.80 -14.61
N ASN B 59 2.31 -11.21 -14.12
CA ASN B 59 2.30 -9.87 -13.55
C ASN B 59 1.33 -9.64 -12.40
N ARG B 60 0.98 -10.69 -11.64
CA ARG B 60 0.18 -10.46 -10.44
C ARG B 60 0.30 -11.56 -9.37
N ASN B 61 0.46 -12.82 -9.75
CA ASN B 61 0.38 -13.89 -8.76
C ASN B 61 1.74 -14.32 -8.19
N LEU B 62 1.70 -14.94 -7.01
CA LEU B 62 2.91 -15.36 -6.31
C LEU B 62 3.05 -16.87 -6.29
N GLU B 63 4.12 -17.36 -6.89
CA GLU B 63 4.40 -18.79 -6.93
C GLU B 63 5.60 -19.14 -6.07
N ILE B 64 5.42 -20.08 -5.16
CA ILE B 64 6.54 -20.66 -4.42
C ILE B 64 6.61 -22.14 -4.82
N THR B 65 7.65 -22.49 -5.57
CA THR B 65 7.72 -23.81 -6.17
C THR B 65 8.20 -24.89 -5.20
N ASN B 66 9.12 -24.51 -4.31
CA ASN B 66 9.70 -25.46 -3.37
C ASN B 66 9.42 -25.03 -1.94
N LEU B 67 8.19 -25.25 -1.48
CA LEU B 67 7.77 -24.80 -0.16
C LEU B 67 8.65 -25.32 0.98
N ARG B 68 9.07 -24.40 1.85
CA ARG B 68 9.76 -24.77 3.09
C ARG B 68 8.80 -24.64 4.27
N VAL B 69 9.12 -25.31 5.38
CA VAL B 69 8.31 -25.16 6.58
C VAL B 69 8.24 -23.68 6.96
N SER B 70 9.34 -22.97 6.80
CA SER B 70 9.39 -21.56 7.18
C SER B 70 8.52 -20.68 6.27
N ASP B 71 8.05 -21.22 5.16
CA ASP B 71 7.18 -20.46 4.25
C ASP B 71 5.76 -20.30 4.77
N GLU B 72 5.42 -21.07 5.82
CA GLU B 72 4.06 -21.03 6.33
C GLU B 72 3.75 -19.66 6.94
N GLY B 73 2.47 -19.29 6.94
CA GLY B 73 2.08 -17.96 7.35
C GLY B 73 0.89 -17.49 6.54
N GLU B 74 0.53 -16.21 6.70
CA GLU B 74 -0.62 -15.66 5.98
C GLU B 74 -0.15 -14.78 4.85
N TYR B 75 -0.70 -15.00 3.66
CA TYR B 75 -0.29 -14.23 2.48
C TYR B 75 -1.49 -13.49 1.89
N TYR B 76 -1.24 -12.28 1.38
CA TYR B 76 -2.24 -11.57 0.58
C TYR B 76 -1.55 -10.51 -0.26
N CYS B 77 -2.20 -10.12 -1.36
CA CYS B 77 -1.68 -9.05 -2.21
C CYS B 77 -2.36 -7.73 -1.87
N SER B 78 -1.65 -6.63 -2.04
CA SER B 78 -2.24 -5.30 -1.95
C SER B 78 -2.00 -4.57 -3.26
N VAL B 79 -3.01 -3.88 -3.76
CA VAL B 79 -2.87 -3.14 -5.00
C VAL B 79 -3.09 -1.66 -4.73
N ILE B 80 -2.21 -0.82 -5.25
CA ILE B 80 -2.44 0.62 -5.23
C ILE B 80 -2.53 1.13 -6.66
N GLU B 81 -3.65 1.73 -7.02
CA GLU B 81 -3.82 2.33 -8.35
C GLU B 81 -3.35 3.78 -8.33
N ILE B 82 -2.63 4.18 -9.37
CA ILE B 82 -2.07 5.52 -9.43
C ILE B 82 -2.83 6.37 -10.43
N GLY B 83 -3.23 7.56 -9.99
CA GLY B 83 -3.92 8.50 -10.86
C GLY B 83 -5.31 8.84 -10.38
N ALA B 84 -6.03 9.62 -11.20
CA ALA B 84 -7.36 10.09 -10.84
C ALA B 84 -8.31 8.94 -10.56
N GLY B 85 -9.06 9.06 -9.47
CA GLY B 85 -9.98 8.03 -9.05
C GLY B 85 -9.30 6.73 -8.63
N GLY B 86 -7.98 6.75 -8.52
CA GLY B 86 -7.24 5.56 -8.12
C GLY B 86 -7.70 4.98 -6.81
N GLN B 87 -7.98 3.69 -6.80
CA GLN B 87 -8.35 2.98 -5.58
C GLN B 87 -7.18 2.15 -5.03
N SER B 88 -7.37 1.59 -3.85
CA SER B 88 -6.40 0.67 -3.29
C SER B 88 -7.14 -0.33 -2.43
N GLY B 89 -6.59 -1.53 -2.31
CA GLY B 89 -7.23 -2.57 -1.54
C GLY B 89 -6.41 -3.83 -1.47
N ASP B 90 -6.90 -4.78 -0.69
CA ASP B 90 -6.22 -6.06 -0.51
C ASP B 90 -6.95 -7.18 -1.23
N GLY B 91 -6.19 -8.16 -1.71
CA GLY B 91 -6.78 -9.39 -2.19
C GLY B 91 -7.16 -10.26 -1.01
N THR B 92 -7.73 -11.43 -1.28
CA THR B 92 -8.14 -12.36 -0.24
C THR B 92 -6.93 -12.86 0.54
N ARG B 93 -7.06 -13.01 1.86
CA ARG B 93 -5.98 -13.53 2.68
C ARG B 93 -5.95 -15.05 2.63
N TYR B 94 -4.77 -15.63 2.44
CA TYR B 94 -4.61 -17.08 2.38
C TYR B 94 -3.72 -17.55 3.51
N GLN B 95 -4.10 -18.66 4.12
CA GLN B 95 -3.33 -19.19 5.24
C GLN B 95 -2.65 -20.50 4.81
N LEU B 96 -1.33 -20.54 4.94
CA LEU B 96 -0.54 -21.68 4.49
C LEU B 96 0.11 -22.42 5.64
N VAL B 97 -0.16 -23.71 5.73
CA VAL B 97 0.58 -24.61 6.62
C VAL B 97 1.54 -25.48 5.80
N VAL B 98 2.80 -25.56 6.22
CA VAL B 98 3.76 -26.45 5.58
C VAL B 98 4.35 -27.40 6.61
N PHE B 99 4.29 -28.69 6.34
CA PHE B 99 4.76 -29.68 7.31
C PHE B 99 5.83 -30.58 6.73
N VAL B 100 6.69 -31.11 7.60
CA VAL B 100 7.73 -32.02 7.15
C VAL B 100 7.11 -33.38 6.84
#